data_6KGS
#
_entry.id   6KGS
#
_cell.length_a   96.770
_cell.length_b   85.110
_cell.length_c   90.700
_cell.angle_alpha   90.000
_cell.angle_beta   111.560
_cell.angle_gamma   90.000
#
_symmetry.space_group_name_H-M   'C 1 2 1'
#
loop_
_entity.id
_entity.type
_entity.pdbx_description
1 polymer 'Penicillin-binding protein PbpB'
2 non-polymer '(4R,5S)-3-{[(3S,5S)-5-(dimethylcarbamoyl)pyrrolidin-3-yl]sulfanyl}-5-[(2S,3R)-3-hydroxy-1-oxobutan-2-yl]-4-methyl-4,5-d ihydro-1H-pyrrole-2-carboxylic acid'
3 non-polymer 'COBALT (II) ION'
4 water water
#
_entity_poly.entity_id   1
_entity_poly.type   'polypeptide(L)'
_entity_poly.pdbx_seq_one_letter_code
;GPLGSGQLKVTDVQPAARGSIVDRNNDRLAFTIEARALTFQPKRIRRQLEEARKKTSAAPDPQQRLRDIAQEVAGKLNNK
PDAAAVLKKLQSDETFVYLARAVDPAVASAICAKYPEVGAERQDLRQYPGGSLAANVVGGIDWDGHGLLGLEDSLDAVLA
GTDGSVTYDRGSDGVVIPGSYRNRHKAVHGSTVVLTLDNDIQFYVQQQVQQAKNLSGAHNVSAVVLDAKTGEVLAMANDN
TFDPSQDIGRQGDKQLGNPAVSSPFEPGSVNKIVAASAVIEHGLSSPDEVLQVPGSIQMGGVTVHDAWEHGVMPYTTTGV
FGKSSNVGTLMLSQRVGPERYYDMLRKFGLGQRTGVGLPGESAGLVPPIDQWSGSTFANLPIGQGLSMTLLQMTGMYQAI
ANDGVRVPPRIIKATVAPDGSRTEEPRPDDIRVVSAQTAQTVRQMLRAVVQRDPMGYQQGTGPTAGVPGYQMAGKTGTAQ
QINPGCGCYFDDVYWITFAGIATADNPRYVIGIMLDNPARNSDGAPGHSAAPLFHNIAGWLMQRENVPLSPDPGPPLVLQ
AT
;
_entity_poly.pdbx_strand_id   A
#
loop_
_chem_comp.id
_chem_comp.type
_chem_comp.name
_chem_comp.formula
CO non-polymer 'COBALT (II) ION' 'Co 2'
MER non-polymer '(4R,5S)-3-{[(3S,5S)-5-(dimethylcarbamoyl)pyrrolidin-3-yl]sulfanyl}-5-[(2S,3R)-3-hydroxy-1-oxobutan-2-yl]-4-methyl-4,5-d ihydro-1H-pyrrole-2-carboxylic acid' 'C17 H27 N3 O5 S'
#
# COMPACT_ATOMS: atom_id res chain seq x y z
N ASP A 12 -49.09 6.91 -3.76
CA ASP A 12 -48.85 7.49 -2.45
C ASP A 12 -47.35 7.64 -2.11
N VAL A 13 -46.48 6.79 -2.68
CA VAL A 13 -45.05 6.78 -2.34
C VAL A 13 -44.24 7.53 -3.39
N GLN A 14 -43.32 8.38 -2.92
CA GLN A 14 -42.49 9.19 -3.82
C GLN A 14 -41.04 8.75 -3.70
N PRO A 15 -40.52 7.96 -4.65
CA PRO A 15 -39.24 7.27 -4.42
C PRO A 15 -38.01 8.17 -4.57
N ALA A 16 -37.07 8.00 -3.66
CA ALA A 16 -35.78 8.66 -3.79
C ALA A 16 -35.00 8.04 -4.94
N ALA A 17 -34.31 8.90 -5.70
CA ALA A 17 -33.45 8.45 -6.80
C ALA A 17 -32.03 8.22 -6.26
N ARG A 18 -31.52 7.00 -6.45
CA ARG A 18 -30.23 6.64 -5.89
C ARG A 18 -29.14 7.52 -6.46
N GLY A 19 -28.25 7.99 -5.59
CA GLY A 19 -27.14 8.80 -6.06
C GLY A 19 -26.06 7.96 -6.73
N SER A 20 -25.10 8.64 -7.33
CA SER A 20 -24.08 7.91 -8.07
C SER A 20 -22.73 7.98 -7.33
N ILE A 21 -21.80 7.14 -7.78
CA ILE A 21 -20.43 7.12 -7.29
C ILE A 21 -19.53 7.50 -8.46
N VAL A 22 -18.71 8.54 -8.28
CA VAL A 22 -17.85 9.06 -9.34
C VAL A 22 -16.43 9.20 -8.80
N ASP A 23 -15.48 9.32 -9.73
CA ASP A 23 -14.10 9.49 -9.32
C ASP A 23 -13.82 10.98 -9.07
N ARG A 24 -12.55 11.32 -8.78
CA ARG A 24 -12.19 12.69 -8.44
C ARG A 24 -12.48 13.68 -9.56
N ASN A 25 -12.54 13.22 -10.81
CA ASN A 25 -12.85 14.09 -11.94
C ASN A 25 -14.29 13.92 -12.40
N ASN A 26 -15.17 13.45 -11.51
CA ASN A 26 -16.58 13.22 -11.78
C ASN A 26 -16.81 12.21 -12.88
N ASP A 27 -15.84 11.35 -13.17
CA ASP A 27 -16.06 10.25 -14.09
C ASP A 27 -16.86 9.15 -13.39
N ARG A 28 -17.94 8.71 -14.00
CA ARG A 28 -18.91 7.87 -13.30
C ARG A 28 -18.43 6.43 -13.19
N LEU A 29 -18.60 5.87 -11.99
CA LEU A 29 -18.35 4.46 -11.70
C LEU A 29 -19.64 3.67 -11.51
N ALA A 30 -20.63 4.27 -10.83
CA ALA A 30 -21.93 3.66 -10.65
C ALA A 30 -22.96 4.77 -10.72
N PHE A 31 -24.05 4.50 -11.43
CA PHE A 31 -25.16 5.44 -11.58
C PHE A 31 -26.41 4.66 -11.97
N THR A 32 -27.57 5.26 -11.73
CA THR A 32 -28.85 4.59 -11.89
C THR A 32 -29.63 5.19 -13.05
N ILE A 33 -30.27 4.31 -13.85
CA ILE A 33 -31.21 4.70 -14.90
C ILE A 33 -32.57 4.12 -14.58
N GLU A 34 -33.61 4.79 -15.06
CA GLU A 34 -35.00 4.36 -14.89
C GLU A 34 -35.41 3.41 -16.00
N ALA A 35 -36.00 2.27 -15.62
CA ALA A 35 -36.56 1.36 -16.60
C ALA A 35 -37.91 0.86 -16.10
N ARG A 36 -38.46 -0.16 -16.77
CA ARG A 36 -39.77 -0.69 -16.43
C ARG A 36 -39.72 -2.21 -16.38
N ALA A 37 -40.53 -2.78 -15.50
CA ALA A 37 -40.67 -4.22 -15.38
C ALA A 37 -41.97 -4.69 -16.02
N ALA A 120 -45.47 -3.35 -9.53
CA ALA A 120 -44.04 -3.57 -9.66
C ALA A 120 -43.53 -3.09 -11.02
N GLU A 121 -44.07 -1.97 -11.51
CA GLU A 121 -43.88 -1.61 -12.90
C GLU A 121 -42.59 -0.82 -13.15
N ARG A 122 -42.34 0.19 -12.34
CA ARG A 122 -41.15 1.00 -12.54
C ARG A 122 -39.96 0.37 -11.84
N GLN A 123 -38.78 0.49 -12.46
CA GLN A 123 -37.63 -0.33 -12.07
C GLN A 123 -36.34 0.45 -12.33
N ASP A 124 -35.55 0.66 -11.29
CA ASP A 124 -34.30 1.39 -11.44
C ASP A 124 -33.16 0.40 -11.69
N LEU A 125 -32.33 0.72 -12.67
CA LEU A 125 -31.22 -0.12 -13.08
C LEU A 125 -29.89 0.53 -12.70
N ARG A 126 -29.14 -0.15 -11.86
CA ARG A 126 -27.77 0.28 -11.54
C ARG A 126 -26.84 -0.04 -12.70
N GLN A 127 -26.15 0.98 -13.19
CA GLN A 127 -25.18 0.87 -14.28
C GLN A 127 -23.77 0.93 -13.72
N TYR A 128 -22.90 0.03 -14.17
CA TYR A 128 -21.47 0.07 -13.87
C TYR A 128 -20.73 0.10 -15.20
N PRO A 129 -20.53 1.30 -15.77
CA PRO A 129 -19.96 1.38 -17.12
C PRO A 129 -18.56 0.81 -17.25
N GLY A 130 -17.75 0.83 -16.17
CA GLY A 130 -16.41 0.30 -16.19
C GLY A 130 -16.32 -1.18 -15.88
N GLY A 131 -17.45 -1.84 -15.71
CA GLY A 131 -17.47 -3.25 -15.41
C GLY A 131 -16.79 -3.49 -14.08
N SER A 132 -15.62 -4.15 -14.11
CA SER A 132 -14.91 -4.50 -12.90
C SER A 132 -14.04 -3.36 -12.37
N LEU A 133 -13.99 -2.22 -13.05
CA LEU A 133 -13.10 -1.12 -12.65
C LEU A 133 -13.38 -0.68 -11.22
N ALA A 134 -12.37 -0.81 -10.35
CA ALA A 134 -12.51 -0.37 -8.95
C ALA A 134 -13.69 -1.05 -8.25
N ALA A 135 -14.11 -2.23 -8.72
CA ALA A 135 -15.26 -2.86 -8.09
C ALA A 135 -14.92 -3.37 -6.71
N ASN A 136 -13.62 -3.60 -6.41
CA ASN A 136 -13.22 -3.89 -5.04
C ASN A 136 -13.65 -2.78 -4.07
N VAL A 137 -13.63 -1.53 -4.55
CA VAL A 137 -14.01 -0.36 -3.76
C VAL A 137 -15.50 -0.07 -3.86
N VAL A 138 -16.00 -0.02 -5.09
CA VAL A 138 -17.35 0.43 -5.37
C VAL A 138 -18.40 -0.53 -4.80
N GLY A 139 -18.19 -1.85 -5.00
CA GLY A 139 -19.17 -2.84 -4.58
C GLY A 139 -20.21 -3.16 -5.65
N GLY A 140 -21.44 -3.50 -5.24
CA GLY A 140 -22.53 -3.85 -6.11
C GLY A 140 -23.85 -3.72 -5.38
N ILE A 141 -24.96 -3.82 -6.12
CA ILE A 141 -26.29 -3.60 -5.55
C ILE A 141 -27.01 -4.92 -5.36
N ASP A 142 -27.99 -4.88 -4.47
CA ASP A 142 -28.86 -6.00 -4.26
C ASP A 142 -30.06 -5.87 -5.21
N TRP A 143 -30.92 -6.90 -5.19
CA TRP A 143 -32.09 -6.94 -6.06
C TRP A 143 -33.03 -5.77 -5.82
N ASP A 144 -33.10 -5.28 -4.59
CA ASP A 144 -33.99 -4.18 -4.26
C ASP A 144 -33.39 -2.80 -4.56
N GLY A 145 -32.20 -2.73 -5.13
CA GLY A 145 -31.58 -1.46 -5.45
C GLY A 145 -30.82 -0.82 -4.31
N HIS A 146 -30.68 -1.50 -3.19
CA HIS A 146 -29.80 -1.04 -2.12
C HIS A 146 -28.47 -1.76 -2.24
N GLY A 147 -27.47 -1.19 -1.59
CA GLY A 147 -26.13 -1.75 -1.68
C GLY A 147 -26.09 -3.17 -1.16
N LEU A 148 -25.33 -4.01 -1.85
CA LEU A 148 -25.05 -5.38 -1.42
C LEU A 148 -23.69 -5.52 -0.75
N LEU A 149 -22.67 -4.82 -1.25
CA LEU A 149 -21.34 -4.86 -0.66
C LEU A 149 -20.56 -3.66 -1.20
N GLY A 150 -19.35 -3.46 -0.66
CA GLY A 150 -18.58 -2.28 -1.02
C GLY A 150 -19.18 -0.96 -0.49
N LEU A 151 -18.77 0.14 -1.11
CA LEU A 151 -19.30 1.45 -0.76
C LEU A 151 -20.80 1.55 -1.05
N GLU A 152 -21.30 0.82 -2.07
CA GLU A 152 -22.74 0.80 -2.30
C GLU A 152 -23.46 0.38 -1.03
N ASP A 153 -22.83 -0.48 -0.24
CA ASP A 153 -23.46 -0.92 0.99
C ASP A 153 -23.13 0.01 2.17
N SER A 154 -21.84 0.24 2.40
CA SER A 154 -21.40 1.00 3.58
C SER A 154 -21.87 2.46 3.53
N LEU A 155 -22.02 3.03 2.34
CA LEU A 155 -22.59 4.37 2.18
C LEU A 155 -24.01 4.34 1.66
N ASP A 156 -24.74 3.23 1.85
CA ASP A 156 -26.07 3.12 1.27
C ASP A 156 -26.97 4.26 1.72
N ALA A 157 -26.92 4.62 3.02
CA ALA A 157 -27.81 5.67 3.53
C ALA A 157 -27.60 6.98 2.77
N VAL A 158 -26.33 7.35 2.53
CA VAL A 158 -26.01 8.54 1.75
C VAL A 158 -26.53 8.41 0.32
N LEU A 159 -26.33 7.24 -0.31
CA LEU A 159 -26.64 7.05 -1.72
C LEU A 159 -28.12 6.83 -1.98
N ALA A 160 -28.83 6.21 -1.03
CA ALA A 160 -30.24 5.90 -1.26
C ALA A 160 -31.17 7.05 -0.93
N GLY A 161 -30.76 7.95 -0.03
CA GLY A 161 -31.72 8.95 0.35
C GLY A 161 -32.93 8.32 1.06
N THR A 162 -34.04 9.06 1.01
CA THR A 162 -35.23 8.71 1.78
C THR A 162 -36.48 9.00 0.96
N ASP A 163 -37.34 8.00 0.85
CA ASP A 163 -38.54 8.14 0.05
C ASP A 163 -39.49 9.17 0.67
N GLY A 164 -40.13 9.96 -0.19
CA GLY A 164 -41.15 10.90 0.22
C GLY A 164 -42.53 10.26 0.24
N SER A 165 -43.55 11.13 0.33
CA SER A 165 -44.93 10.68 0.44
C SER A 165 -45.88 11.88 0.35
N VAL A 166 -47.07 11.64 -0.19
CA VAL A 166 -48.18 12.60 -0.09
C VAL A 166 -49.53 11.89 -0.29
N ARG A 184 -47.54 16.12 3.25
CA ARG A 184 -46.45 15.87 2.32
C ARG A 184 -45.10 15.83 3.04
N HIS A 185 -44.32 14.81 2.72
CA HIS A 185 -42.91 14.75 3.07
C HIS A 185 -42.13 14.61 1.78
N LYS A 186 -41.25 15.56 1.51
CA LYS A 186 -40.52 15.58 0.25
C LYS A 186 -39.50 14.45 0.22
N ALA A 187 -39.42 13.81 -0.95
CA ALA A 187 -38.41 12.80 -1.17
C ALA A 187 -37.02 13.43 -1.10
N VAL A 188 -36.12 12.78 -0.38
CA VAL A 188 -34.73 13.20 -0.29
C VAL A 188 -33.94 12.27 -1.21
N HIS A 189 -33.60 12.77 -2.40
CA HIS A 189 -32.85 11.96 -3.35
C HIS A 189 -31.43 11.71 -2.82
N GLY A 190 -30.81 10.67 -3.35
CA GLY A 190 -29.49 10.27 -2.87
C GLY A 190 -28.42 11.28 -3.25
N SER A 191 -27.44 11.41 -2.37
CA SER A 191 -26.29 12.26 -2.70
C SER A 191 -25.31 11.49 -3.58
N THR A 192 -24.54 12.23 -4.32
CA THR A 192 -23.49 11.63 -5.13
C THR A 192 -22.19 11.64 -4.33
N VAL A 193 -21.47 10.52 -4.39
CA VAL A 193 -20.22 10.34 -3.64
C VAL A 193 -19.06 10.51 -4.63
N VAL A 194 -18.14 11.42 -4.30
CA VAL A 194 -16.93 11.66 -5.09
C VAL A 194 -15.74 10.96 -4.41
N LEU A 195 -15.13 9.98 -5.08
CA LEU A 195 -13.97 9.29 -4.55
C LEU A 195 -12.68 10.02 -4.91
N THR A 196 -11.64 9.74 -4.12
CA THR A 196 -10.29 10.25 -4.45
C THR A 196 -9.68 9.54 -5.65
N LEU A 197 -10.27 8.42 -6.10
CA LEU A 197 -9.75 7.64 -7.20
C LEU A 197 -9.63 8.45 -8.49
N ASP A 198 -8.57 8.19 -9.24
CA ASP A 198 -8.43 8.65 -10.62
C ASP A 198 -8.63 7.44 -11.51
N ASN A 199 -9.71 7.44 -12.30
CA ASN A 199 -10.08 6.23 -13.05
C ASN A 199 -8.99 5.83 -14.03
N ASP A 200 -8.31 6.80 -14.63
CA ASP A 200 -7.23 6.45 -15.55
C ASP A 200 -6.11 5.72 -14.83
N ILE A 201 -5.68 6.25 -13.68
CA ILE A 201 -4.65 5.57 -12.92
C ILE A 201 -5.15 4.22 -12.44
N GLN A 202 -6.39 4.17 -11.93
CA GLN A 202 -6.96 2.94 -11.42
C GLN A 202 -6.99 1.87 -12.51
N PHE A 203 -7.41 2.25 -13.71
CA PHE A 203 -7.53 1.29 -14.81
C PHE A 203 -6.16 0.74 -15.21
N TYR A 204 -5.18 1.62 -15.37
CA TYR A 204 -3.82 1.14 -15.64
C TYR A 204 -3.33 0.22 -14.53
N VAL A 205 -3.43 0.66 -13.27
CA VAL A 205 -2.90 -0.13 -12.15
C VAL A 205 -3.64 -1.46 -12.03
N GLN A 206 -4.96 -1.44 -12.17
CA GLN A 206 -5.72 -2.67 -12.03
C GLN A 206 -5.34 -3.68 -13.12
N GLN A 207 -5.06 -3.20 -14.35
CA GLN A 207 -4.66 -4.11 -15.42
C GLN A 207 -3.26 -4.67 -15.16
N GLN A 208 -2.34 -3.80 -14.74
CA GLN A 208 -1.00 -4.26 -14.41
C GLN A 208 -1.01 -5.25 -13.25
N VAL A 209 -1.94 -5.08 -12.30
CA VAL A 209 -2.01 -6.01 -11.17
C VAL A 209 -2.44 -7.39 -11.68
N GLN A 210 -3.42 -7.42 -12.59
CA GLN A 210 -3.91 -8.70 -13.14
C GLN A 210 -2.80 -9.39 -13.93
N GLN A 211 -2.06 -8.67 -14.75
N GLN A 211 -2.13 -8.64 -14.81
CA GLN A 211 -1.05 -9.38 -15.51
CA GLN A 211 -0.98 -9.12 -15.56
C GLN A 211 0.26 -9.58 -14.75
C GLN A 211 0.09 -9.69 -14.63
N ALA A 212 0.46 -8.92 -13.59
CA ALA A 212 1.53 -9.36 -12.68
C ALA A 212 1.16 -10.67 -12.00
N LYS A 213 -0.14 -10.85 -11.71
CA LYS A 213 -0.59 -12.11 -11.15
C LYS A 213 -0.43 -13.26 -12.16
N ASN A 214 -0.91 -13.07 -13.39
CA ASN A 214 -0.75 -14.09 -14.43
C ASN A 214 0.72 -14.41 -14.65
N LEU A 215 1.56 -13.37 -14.80
CA LEU A 215 2.97 -13.59 -15.16
C LEU A 215 3.76 -14.23 -14.02
N SER A 216 3.50 -13.83 -12.78
CA SER A 216 4.33 -14.28 -11.66
C SER A 216 3.86 -15.61 -11.08
N GLY A 217 2.65 -16.04 -11.36
CA GLY A 217 2.18 -17.24 -10.70
C GLY A 217 1.75 -17.05 -9.27
N ALA A 218 1.74 -15.80 -8.77
CA ALA A 218 1.22 -15.50 -7.44
C ALA A 218 -0.24 -15.91 -7.30
N HIS A 219 -0.64 -16.19 -6.07
CA HIS A 219 -2.04 -16.54 -5.78
C HIS A 219 -2.93 -15.31 -5.87
N ASN A 220 -2.40 -14.16 -5.46
CA ASN A 220 -3.11 -12.90 -5.61
C ASN A 220 -2.07 -11.80 -5.63
N VAL A 221 -2.47 -10.64 -6.16
CA VAL A 221 -1.61 -9.46 -6.27
C VAL A 221 -2.47 -8.27 -5.94
N SER A 222 -1.89 -7.27 -5.26
CA SER A 222 -2.60 -6.02 -5.03
C SER A 222 -1.61 -4.87 -5.05
N ALA A 223 -2.15 -3.67 -5.22
CA ALA A 223 -1.34 -2.46 -5.35
C ALA A 223 -2.17 -1.28 -4.90
N VAL A 224 -1.48 -0.31 -4.30
CA VAL A 224 -2.07 0.92 -3.81
C VAL A 224 -1.20 2.07 -4.27
N VAL A 225 -1.83 3.12 -4.79
CA VAL A 225 -1.14 4.35 -5.13
C VAL A 225 -1.76 5.47 -4.32
N LEU A 226 -0.94 6.17 -3.55
CA LEU A 226 -1.41 7.31 -2.76
C LEU A 226 -0.83 8.60 -3.30
N ASP A 227 -1.61 9.67 -3.19
CA ASP A 227 -1.02 10.98 -3.40
C ASP A 227 -0.01 11.27 -2.30
N ALA A 228 1.20 11.65 -2.68
CA ALA A 228 2.28 11.76 -1.70
C ALA A 228 2.00 12.78 -0.60
N LYS A 229 1.42 13.93 -0.96
CA LYS A 229 1.23 14.98 0.04
C LYS A 229 -0.05 14.81 0.86
N THR A 230 -1.15 14.40 0.24
CA THR A 230 -2.43 14.33 0.93
C THR A 230 -2.76 12.94 1.46
N GLY A 231 -2.10 11.88 0.98
CA GLY A 231 -2.49 10.52 1.32
C GLY A 231 -3.78 10.04 0.69
N GLU A 232 -4.38 10.84 -0.18
CA GLU A 232 -5.56 10.39 -0.90
C GLU A 232 -5.25 9.16 -1.75
N VAL A 233 -6.23 8.26 -1.82
CA VAL A 233 -6.12 7.00 -2.54
C VAL A 233 -6.40 7.24 -4.02
N LEU A 234 -5.37 7.18 -4.85
CA LEU A 234 -5.53 7.41 -6.28
C LEU A 234 -5.80 6.12 -7.05
N ALA A 235 -5.30 4.99 -6.58
CA ALA A 235 -5.66 3.68 -7.11
C ALA A 235 -5.55 2.67 -5.98
N MET A 236 -6.43 1.67 -6.01
CA MET A 236 -6.41 0.56 -5.06
C MET A 236 -6.95 -0.63 -5.84
N ALA A 237 -6.12 -1.65 -6.06
CA ALA A 237 -6.56 -2.71 -6.96
C ALA A 237 -6.03 -4.08 -6.52
N ASN A 238 -6.80 -5.10 -6.88
CA ASN A 238 -6.39 -6.48 -6.71
C ASN A 238 -6.67 -7.22 -8.00
N ASP A 239 -6.03 -8.37 -8.20
CA ASP A 239 -6.35 -9.21 -9.36
C ASP A 239 -7.73 -9.84 -9.19
N ASN A 240 -8.25 -10.38 -10.29
CA ASN A 240 -9.41 -11.27 -10.26
C ASN A 240 -10.67 -10.56 -9.76
N THR A 241 -10.77 -9.24 -9.97
CA THR A 241 -11.87 -8.44 -9.42
C THR A 241 -13.21 -8.78 -10.09
N PHE A 242 -14.25 -8.91 -9.27
CA PHE A 242 -15.55 -9.28 -9.82
C PHE A 242 -16.16 -8.16 -10.65
N ASP A 243 -17.28 -8.47 -11.30
CA ASP A 243 -17.96 -7.52 -12.17
C ASP A 243 -19.37 -7.30 -11.61
N PRO A 244 -19.64 -6.16 -10.98
CA PRO A 244 -20.96 -5.95 -10.37
C PRO A 244 -22.08 -5.73 -11.36
N SER A 245 -21.83 -5.68 -12.67
CA SER A 245 -22.95 -5.68 -13.60
C SER A 245 -23.48 -7.09 -13.89
N GLN A 246 -22.92 -8.13 -13.27
CA GLN A 246 -23.39 -9.50 -13.40
C GLN A 246 -23.72 -10.08 -12.03
N ASP A 247 -24.54 -11.11 -12.02
CA ASP A 247 -25.00 -11.71 -10.76
C ASP A 247 -23.83 -12.25 -9.94
N ILE A 248 -23.82 -11.88 -8.66
CA ILE A 248 -22.69 -12.26 -7.82
C ILE A 248 -22.71 -13.75 -7.53
N GLY A 249 -23.88 -14.38 -7.59
CA GLY A 249 -24.00 -15.83 -7.43
C GLY A 249 -23.30 -16.63 -8.53
N ARG A 250 -22.99 -16.00 -9.66
CA ARG A 250 -22.22 -16.63 -10.72
C ARG A 250 -20.72 -16.40 -10.59
N GLN A 251 -20.25 -15.74 -9.52
CA GLN A 251 -18.86 -15.31 -9.49
C GLN A 251 -18.16 -15.77 -8.22
N GLY A 252 -18.42 -17.01 -7.81
CA GLY A 252 -17.68 -17.59 -6.69
C GLY A 252 -16.20 -17.73 -6.96
N ASP A 253 -15.79 -17.79 -8.22
CA ASP A 253 -14.37 -17.86 -8.51
C ASP A 253 -13.71 -16.49 -8.56
N LYS A 254 -14.41 -15.44 -8.16
CA LYS A 254 -13.94 -14.06 -8.30
C LYS A 254 -13.60 -13.46 -6.95
N GLN A 255 -12.76 -12.42 -6.96
CA GLN A 255 -12.53 -11.61 -5.77
C GLN A 255 -13.66 -10.61 -5.62
N LEU A 256 -14.48 -10.79 -4.60
CA LEU A 256 -15.61 -9.90 -4.34
C LEU A 256 -15.26 -8.78 -3.35
N GLY A 257 -14.13 -8.84 -2.66
CA GLY A 257 -13.86 -7.91 -1.58
C GLY A 257 -12.73 -6.97 -1.92
N ASN A 258 -11.97 -6.57 -0.90
CA ASN A 258 -10.95 -5.53 -1.06
C ASN A 258 -9.75 -5.88 -0.18
N PRO A 259 -8.97 -6.91 -0.57
CA PRO A 259 -7.83 -7.36 0.27
C PRO A 259 -6.86 -6.26 0.67
N ALA A 260 -6.69 -5.23 -0.17
CA ALA A 260 -5.76 -4.15 0.17
C ALA A 260 -6.07 -3.51 1.53
N VAL A 261 -7.31 -3.60 2.02
CA VAL A 261 -7.62 -3.09 3.36
C VAL A 261 -7.99 -4.18 4.35
N SER A 262 -8.43 -5.35 3.91
CA SER A 262 -9.01 -6.35 4.80
C SER A 262 -8.05 -7.47 5.18
N SER A 263 -6.95 -7.65 4.45
CA SER A 263 -6.20 -8.90 4.54
C SER A 263 -4.74 -8.63 4.88
N PRO A 264 -4.39 -8.61 6.16
CA PRO A 264 -3.02 -8.26 6.55
C PRO A 264 -2.03 -9.38 6.26
N PHE A 265 -0.76 -8.98 6.17
CA PHE A 265 0.33 -9.90 5.89
C PHE A 265 1.56 -9.42 6.65
N GLU A 266 2.57 -10.29 6.73
CA GLU A 266 3.81 -9.81 7.33
C GLU A 266 4.63 -9.13 6.26
N PRO A 267 5.19 -7.95 6.55
CA PRO A 267 5.75 -7.12 5.46
C PRO A 267 7.16 -7.51 5.03
N GLY A 268 7.92 -8.22 5.85
CA GLY A 268 9.30 -8.46 5.52
C GLY A 268 10.09 -7.15 5.53
N SER A 269 11.15 -7.13 4.73
CA SER A 269 12.14 -6.04 4.81
C SER A 269 11.58 -4.67 4.41
N VAL A 270 10.40 -4.61 3.80
CA VAL A 270 9.76 -3.31 3.59
C VAL A 270 9.55 -2.59 4.92
N ASN A 271 9.38 -3.33 6.02
CA ASN A 271 9.30 -2.68 7.33
C ASN A 271 10.58 -1.96 7.73
N LYS A 272 11.70 -2.17 7.05
CA LYS A 272 12.93 -1.60 7.57
C LYS A 272 12.95 -0.08 7.49
N ILE A 273 11.97 0.53 6.82
CA ILE A 273 11.81 1.97 6.85
C ILE A 273 11.60 2.48 8.27
N VAL A 274 11.00 1.67 9.15
CA VAL A 274 10.86 2.11 10.53
C VAL A 274 12.23 2.27 11.20
N ALA A 275 13.10 1.25 11.06
CA ALA A 275 14.44 1.30 11.63
C ALA A 275 15.28 2.43 11.04
N ALA A 276 15.26 2.57 9.71
CA ALA A 276 16.02 3.65 9.07
C ALA A 276 15.61 5.00 9.63
N SER A 277 14.30 5.22 9.74
CA SER A 277 13.76 6.49 10.23
C SER A 277 14.13 6.73 11.68
N ALA A 278 14.15 5.68 12.50
CA ALA A 278 14.44 5.86 13.92
C ALA A 278 15.92 6.16 14.15
N VAL A 279 16.85 5.42 13.50
CA VAL A 279 18.27 5.74 13.72
C VAL A 279 18.63 7.12 13.19
N ILE A 280 17.99 7.56 12.10
CA ILE A 280 18.34 8.90 11.62
C ILE A 280 17.68 9.96 12.50
N GLU A 281 16.41 9.75 12.87
CA GLU A 281 15.69 10.77 13.65
C GLU A 281 16.33 10.97 15.02
N HIS A 282 16.81 9.91 15.64
CA HIS A 282 17.39 10.06 16.97
C HIS A 282 18.89 10.32 16.93
N GLY A 283 19.44 10.62 15.76
CA GLY A 283 20.83 11.00 15.68
C GLY A 283 21.79 9.87 15.90
N LEU A 284 21.35 8.62 15.72
CA LEU A 284 22.15 7.45 16.06
C LEU A 284 23.04 6.96 14.92
N SER A 285 22.90 7.50 13.72
CA SER A 285 23.72 7.11 12.59
C SER A 285 23.44 8.10 11.47
N SER A 286 24.13 7.92 10.35
CA SER A 286 24.01 8.81 9.21
C SER A 286 24.19 7.97 7.95
N PRO A 287 23.72 8.44 6.79
CA PRO A 287 23.77 7.58 5.59
C PRO A 287 25.16 7.05 5.26
N ASP A 288 26.20 7.83 5.56
CA ASP A 288 27.57 7.52 5.13
C ASP A 288 28.38 6.77 6.17
N GLU A 289 27.87 6.59 7.39
CA GLU A 289 28.58 5.82 8.41
C GLU A 289 29.00 4.46 7.85
N VAL A 290 30.30 4.18 7.90
CA VAL A 290 30.80 2.85 7.57
C VAL A 290 30.58 1.95 8.78
N LEU A 291 29.87 0.85 8.59
CA LEU A 291 29.63 -0.12 9.64
C LEU A 291 30.49 -1.37 9.41
N GLN A 292 30.44 -2.27 10.37
CA GLN A 292 31.07 -3.59 10.26
C GLN A 292 29.98 -4.62 10.52
N VAL A 293 29.54 -5.30 9.48
CA VAL A 293 28.36 -6.15 9.56
C VAL A 293 28.79 -7.61 9.38
N PRO A 294 28.78 -8.40 10.44
CA PRO A 294 29.05 -9.84 10.29
C PRO A 294 27.87 -10.56 9.66
N GLY A 295 28.13 -11.80 9.23
CA GLY A 295 27.12 -12.58 8.54
C GLY A 295 25.97 -13.04 9.43
N SER A 296 26.17 -13.08 10.74
CA SER A 296 25.10 -13.49 11.62
C SER A 296 25.38 -12.91 12.99
N ILE A 297 24.33 -12.73 13.79
CA ILE A 297 24.51 -12.46 15.21
C ILE A 297 23.48 -13.19 16.03
N GLN A 298 23.84 -13.44 17.28
CA GLN A 298 22.90 -13.91 18.31
C GLN A 298 22.26 -12.70 18.97
N MET A 299 20.93 -12.69 19.01
CA MET A 299 20.22 -11.54 19.56
C MET A 299 18.94 -12.01 20.24
N GLY A 300 18.78 -11.62 21.49
CA GLY A 300 17.59 -12.03 22.23
C GLY A 300 17.31 -13.51 22.16
N GLY A 301 18.34 -14.33 22.29
CA GLY A 301 18.18 -15.77 22.33
C GLY A 301 18.17 -16.47 20.98
N VAL A 302 18.00 -15.75 19.87
CA VAL A 302 17.95 -16.37 18.55
C VAL A 302 19.14 -15.91 17.70
N THR A 303 19.26 -16.54 16.53
CA THR A 303 20.32 -16.26 15.55
C THR A 303 19.70 -15.67 14.29
N VAL A 304 20.18 -14.50 13.88
CA VAL A 304 19.73 -13.88 12.65
C VAL A 304 20.87 -13.86 11.65
N HIS A 305 20.55 -14.21 10.42
CA HIS A 305 21.51 -14.42 9.36
C HIS A 305 21.14 -13.50 8.19
N ASP A 306 22.14 -13.05 7.43
CA ASP A 306 21.83 -12.33 6.20
C ASP A 306 21.54 -13.31 5.08
N ALA A 307 20.64 -12.90 4.16
CA ALA A 307 20.19 -13.72 3.02
C ALA A 307 21.31 -14.30 2.16
N TRP A 308 22.54 -13.83 2.36
CA TRP A 308 23.72 -14.34 1.69
C TRP A 308 24.79 -14.55 2.74
N GLU A 309 25.59 -15.60 2.56
CA GLU A 309 26.71 -15.82 3.45
C GLU A 309 27.80 -14.78 3.19
N HIS A 310 28.34 -14.20 4.26
CA HIS A 310 29.43 -13.23 4.10
C HIS A 310 30.15 -13.06 5.44
N GLY A 311 31.44 -12.72 5.36
CA GLY A 311 32.20 -12.31 6.53
C GLY A 311 31.83 -10.89 6.95
N VAL A 312 32.68 -10.22 7.72
CA VAL A 312 32.36 -8.84 8.09
C VAL A 312 32.44 -7.97 6.85
N MET A 313 31.35 -7.30 6.52
CA MET A 313 31.28 -6.41 5.38
C MET A 313 31.27 -4.96 5.84
N PRO A 314 32.03 -4.12 5.21
CA PRO A 314 32.00 -2.68 5.53
C PRO A 314 30.85 -1.92 4.85
N TYR A 315 29.61 -2.37 5.12
CA TYR A 315 28.45 -1.69 4.55
C TYR A 315 28.27 -0.33 5.19
N THR A 316 27.98 0.66 4.37
CA THR A 316 27.48 1.88 4.94
C THR A 316 26.06 1.65 5.43
N THR A 317 25.60 2.54 6.32
CA THR A 317 24.21 2.55 6.73
C THR A 317 23.29 2.57 5.51
N THR A 318 23.64 3.36 4.49
CA THR A 318 22.91 3.30 3.24
C THR A 318 22.91 1.90 2.65
N GLY A 319 24.07 1.24 2.64
CA GLY A 319 24.14 -0.11 2.12
C GLY A 319 23.36 -1.13 2.92
N VAL A 320 23.22 -0.92 4.24
CA VAL A 320 22.46 -1.86 5.05
C VAL A 320 21.03 -1.96 4.57
N PHE A 321 20.43 -0.81 4.27
CA PHE A 321 19.08 -0.82 3.72
C PHE A 321 19.08 -1.08 2.20
N GLY A 322 20.10 -0.60 1.48
CA GLY A 322 20.15 -0.83 0.04
C GLY A 322 20.32 -2.30 -0.33
N LYS A 323 21.15 -3.03 0.44
CA LYS A 323 21.36 -4.46 0.26
C LYS A 323 20.43 -5.30 1.13
N SER A 324 19.62 -4.67 1.98
CA SER A 324 18.71 -5.33 2.91
C SER A 324 19.43 -6.36 3.82
N SER A 325 20.43 -5.87 4.55
CA SER A 325 21.13 -6.68 5.54
C SER A 325 20.33 -6.77 6.84
N ASN A 326 19.95 -7.98 7.24
CA ASN A 326 19.25 -8.19 8.52
C ASN A 326 20.16 -7.87 9.70
N VAL A 327 21.39 -8.37 9.67
CA VAL A 327 22.34 -8.11 10.75
C VAL A 327 22.57 -6.61 10.91
N GLY A 328 22.84 -5.92 9.81
CA GLY A 328 23.03 -4.48 9.88
C GLY A 328 21.80 -3.78 10.42
N THR A 329 20.61 -4.25 10.01
CA THR A 329 19.39 -3.63 10.48
C THR A 329 19.24 -3.80 11.99
N LEU A 330 19.57 -4.99 12.49
CA LEU A 330 19.40 -5.26 13.92
C LEU A 330 20.46 -4.55 14.76
N MET A 331 21.69 -4.45 14.25
CA MET A 331 22.71 -3.69 14.97
CA MET A 331 22.70 -3.70 14.98
C MET A 331 22.27 -2.23 15.15
N LEU A 332 21.82 -1.60 14.06
CA LEU A 332 21.31 -0.23 14.15
C LEU A 332 20.09 -0.14 15.04
N SER A 333 19.23 -1.17 14.99
CA SER A 333 18.05 -1.18 15.86
C SER A 333 18.43 -1.32 17.34
N GLN A 334 19.54 -2.00 17.64
CA GLN A 334 20.02 -2.03 19.02
C GLN A 334 20.33 -0.63 19.53
N ARG A 335 20.87 0.24 18.67
CA ARG A 335 21.15 1.62 19.07
C ARG A 335 19.86 2.35 19.41
N VAL A 336 18.78 2.08 18.67
CA VAL A 336 17.50 2.72 18.91
C VAL A 336 16.90 2.29 20.25
N GLY A 337 16.96 0.99 20.56
CA GLY A 337 16.28 0.45 21.71
C GLY A 337 14.84 0.04 21.43
N PRO A 338 14.33 -0.93 22.20
CA PRO A 338 12.93 -1.39 22.02
C PRO A 338 11.85 -0.31 22.20
N GLU A 339 12.04 0.59 23.17
CA GLU A 339 10.98 1.56 23.47
C GLU A 339 10.87 2.61 22.37
N ARG A 340 12.00 3.19 21.97
CA ARG A 340 11.94 4.15 20.88
C ARG A 340 11.53 3.47 19.58
N TYR A 341 11.90 2.20 19.37
CA TYR A 341 11.49 1.50 18.16
C TYR A 341 9.98 1.26 18.17
N TYR A 342 9.47 0.66 19.25
CA TYR A 342 8.02 0.46 19.34
C TYR A 342 7.28 1.78 19.20
N ASP A 343 7.79 2.84 19.80
CA ASP A 343 7.12 4.13 19.65
C ASP A 343 7.02 4.54 18.19
N MET A 344 8.08 4.31 17.41
CA MET A 344 8.06 4.72 16.01
C MET A 344 7.09 3.88 15.18
N LEU A 345 7.05 2.56 15.43
CA LEU A 345 6.00 1.69 14.90
C LEU A 345 4.61 2.31 15.04
N ARG A 346 4.28 2.76 16.26
CA ARG A 346 2.96 3.34 16.49
C ARG A 346 2.79 4.66 15.73
N LYS A 347 3.81 5.51 15.72
CA LYS A 347 3.69 6.78 14.99
C LYS A 347 3.46 6.56 13.50
N PHE A 348 4.09 5.53 12.92
CA PHE A 348 3.82 5.17 11.54
C PHE A 348 2.41 4.58 11.34
N GLY A 349 1.58 4.42 12.37
CA GLY A 349 0.21 4.01 12.19
C GLY A 349 -0.05 2.52 12.18
N LEU A 350 0.91 1.71 12.58
CA LEU A 350 0.78 0.26 12.51
C LEU A 350 -0.02 -0.27 13.68
N GLY A 351 -0.80 -1.32 13.43
CA GLY A 351 -1.72 -1.89 14.40
C GLY A 351 -3.01 -1.13 14.56
N GLN A 352 -3.22 -0.05 13.82
CA GLN A 352 -4.40 0.78 13.96
C GLN A 352 -5.04 0.95 12.58
N ARG A 353 -6.36 0.83 12.51
CA ARG A 353 -7.10 1.24 11.32
C ARG A 353 -6.76 2.67 10.93
N THR A 354 -6.68 2.89 9.61
CA THR A 354 -6.42 4.21 9.08
C THR A 354 -7.64 5.12 9.14
N GLY A 355 -8.86 4.56 9.17
CA GLY A 355 -10.04 5.36 8.96
C GLY A 355 -10.29 5.77 7.51
N VAL A 356 -9.87 4.95 6.54
CA VAL A 356 -9.91 5.38 5.14
C VAL A 356 -11.33 5.58 4.62
N GLY A 357 -12.33 4.96 5.24
CA GLY A 357 -13.69 5.05 4.77
C GLY A 357 -14.14 3.89 3.90
N LEU A 358 -13.63 2.69 4.14
CA LEU A 358 -13.95 1.52 3.36
C LEU A 358 -14.34 0.41 4.33
N PRO A 359 -15.37 -0.36 4.04
CA PRO A 359 -15.78 -1.41 4.98
C PRO A 359 -14.78 -2.58 4.96
N GLY A 360 -14.77 -3.32 6.06
CA GLY A 360 -13.88 -4.45 6.19
C GLY A 360 -12.41 -4.15 6.46
N GLU A 361 -12.06 -2.92 6.84
CA GLU A 361 -10.65 -2.61 7.10
C GLU A 361 -10.14 -3.39 8.32
N SER A 362 -9.01 -4.09 8.15
CA SER A 362 -8.28 -4.71 9.25
C SER A 362 -7.32 -3.72 9.89
N ALA A 363 -7.09 -3.89 11.20
CA ALA A 363 -6.09 -3.12 11.93
C ALA A 363 -4.68 -3.69 11.86
N GLY A 364 -4.48 -4.87 11.28
CA GLY A 364 -3.19 -5.54 11.40
C GLY A 364 -2.92 -5.94 12.85
N LEU A 365 -1.65 -6.24 13.13
CA LEU A 365 -1.28 -6.77 14.44
C LEU A 365 0.16 -6.40 14.74
N VAL A 366 0.35 -5.63 15.81
CA VAL A 366 1.66 -5.27 16.35
C VAL A 366 1.67 -5.72 17.82
N PRO A 367 2.49 -6.66 18.22
CA PRO A 367 2.52 -7.06 19.64
C PRO A 367 2.94 -5.90 20.50
N PRO A 368 2.13 -5.52 21.49
CA PRO A 368 2.51 -4.41 22.36
C PRO A 368 3.75 -4.76 23.16
N ILE A 369 4.54 -3.72 23.47
CA ILE A 369 5.91 -3.93 23.93
C ILE A 369 5.93 -4.71 25.25
N ASP A 370 4.93 -4.49 26.11
CA ASP A 370 4.86 -5.21 27.38
C ASP A 370 4.70 -6.72 27.22
N GLN A 371 4.41 -7.21 26.01
CA GLN A 371 4.22 -8.63 25.78
C GLN A 371 5.32 -9.26 24.94
N TRP A 372 6.36 -8.52 24.58
CA TRP A 372 7.36 -9.12 23.71
C TRP A 372 8.01 -10.30 24.42
N SER A 373 8.33 -11.34 23.64
CA SER A 373 9.21 -12.39 24.09
C SER A 373 10.64 -11.92 23.92
N GLY A 374 11.59 -12.75 24.34
CA GLY A 374 12.99 -12.35 24.22
C GLY A 374 13.46 -12.17 22.79
N SER A 375 12.68 -12.63 21.81
CA SER A 375 13.06 -12.62 20.41
C SER A 375 12.22 -11.69 19.53
N THR A 376 11.25 -10.98 20.11
CA THR A 376 10.44 -10.04 19.32
C THR A 376 11.30 -8.97 18.67
N PHE A 377 12.19 -8.35 19.44
CA PHE A 377 13.05 -7.30 18.92
C PHE A 377 13.98 -7.80 17.82
N ALA A 378 14.28 -9.09 17.78
CA ALA A 378 15.06 -9.63 16.68
C ALA A 378 14.23 -9.89 15.43
N ASN A 379 12.92 -9.69 15.47
CA ASN A 379 12.06 -10.01 14.33
C ASN A 379 11.37 -8.79 13.78
N LEU A 380 10.75 -7.97 14.63
CA LEU A 380 9.99 -6.82 14.14
C LEU A 380 10.81 -5.90 13.25
N PRO A 381 12.04 -5.50 13.58
CA PRO A 381 12.76 -4.55 12.71
C PRO A 381 12.98 -5.06 11.28
N ILE A 382 13.00 -6.37 11.06
CA ILE A 382 13.15 -6.89 9.69
C ILE A 382 11.82 -7.28 9.07
N GLY A 383 10.71 -7.04 9.76
CA GLY A 383 9.40 -7.21 9.19
C GLY A 383 8.73 -8.54 9.42
N GLN A 384 9.19 -9.35 10.38
CA GLN A 384 8.49 -10.58 10.77
C GLN A 384 7.94 -10.39 12.18
N GLY A 385 6.84 -11.09 12.47
CA GLY A 385 6.27 -11.03 13.80
C GLY A 385 5.22 -9.96 14.00
N LEU A 386 4.81 -9.31 12.91
CA LEU A 386 3.75 -8.31 12.93
C LEU A 386 3.10 -8.38 11.56
N SER A 387 1.90 -7.85 11.48
CA SER A 387 1.19 -7.88 10.22
C SER A 387 0.59 -6.51 9.94
N MET A 388 0.46 -6.19 8.65
CA MET A 388 -0.21 -4.95 8.28
C MET A 388 -0.92 -5.16 6.95
N THR A 389 -1.88 -4.29 6.69
CA THR A 389 -2.54 -4.28 5.39
C THR A 389 -1.66 -3.54 4.40
N LEU A 390 -1.97 -3.73 3.11
CA LEU A 390 -1.23 -3.03 2.08
C LEU A 390 -1.40 -1.52 2.21
N LEU A 391 -2.58 -1.09 2.66
CA LEU A 391 -2.80 0.34 2.84
C LEU A 391 -1.93 0.91 3.96
N GLN A 392 -1.88 0.24 5.13
CA GLN A 392 -0.97 0.70 6.19
C GLN A 392 0.48 0.73 5.69
N MET A 393 0.89 -0.30 4.95
CA MET A 393 2.25 -0.37 4.43
C MET A 393 2.53 0.83 3.54
N THR A 394 1.66 1.08 2.56
CA THR A 394 1.82 2.25 1.72
C THR A 394 1.71 3.53 2.54
N GLY A 395 0.90 3.54 3.59
CA GLY A 395 0.77 4.72 4.43
C GLY A 395 2.06 5.09 5.15
N MET A 396 2.89 4.09 5.49
CA MET A 396 4.19 4.38 6.11
C MET A 396 5.09 5.15 5.16
N TYR A 397 5.14 4.73 3.89
CA TYR A 397 5.99 5.40 2.92
C TYR A 397 5.46 6.78 2.56
N GLN A 398 4.15 6.99 2.68
CA GLN A 398 3.58 8.32 2.52
C GLN A 398 4.11 9.30 3.58
N ALA A 399 4.27 8.85 4.83
CA ALA A 399 4.81 9.74 5.87
C ALA A 399 6.18 10.25 5.46
N ILE A 400 7.04 9.36 4.96
CA ILE A 400 8.39 9.74 4.57
C ILE A 400 8.35 10.59 3.31
N ALA A 401 7.53 10.20 2.33
CA ALA A 401 7.27 11.04 1.16
C ALA A 401 6.86 12.46 1.52
N ASN A 402 6.01 12.62 2.54
CA ASN A 402 5.47 13.92 2.91
C ASN A 402 6.34 14.61 3.96
N ASP A 403 7.67 14.48 3.85
CA ASP A 403 8.61 15.20 4.72
C ASP A 403 8.34 14.90 6.19
N GLY A 404 7.98 13.65 6.48
CA GLY A 404 7.87 13.17 7.83
C GLY A 404 6.48 13.25 8.40
N VAL A 405 5.52 13.78 7.68
CA VAL A 405 4.18 14.03 8.18
C VAL A 405 3.23 13.02 7.54
N ARG A 406 2.72 12.11 8.35
CA ARG A 406 1.82 11.08 7.89
C ARG A 406 0.40 11.63 7.87
N VAL A 407 -0.26 11.56 6.72
CA VAL A 407 -1.67 11.90 6.58
C VAL A 407 -2.44 10.61 6.37
N PRO A 408 -3.26 10.16 7.32
CA PRO A 408 -4.00 8.91 7.14
C PRO A 408 -4.76 8.91 5.82
N PRO A 409 -4.65 7.84 5.03
CA PRO A 409 -5.25 7.84 3.69
C PRO A 409 -6.77 7.92 3.74
N ARG A 410 -7.34 8.49 2.67
CA ARG A 410 -8.79 8.66 2.56
C ARG A 410 -9.19 8.40 1.12
N ILE A 411 -10.37 7.81 0.94
CA ILE A 411 -10.89 7.54 -0.40
C ILE A 411 -12.16 8.29 -0.72
N ILE A 412 -12.84 8.89 0.27
CA ILE A 412 -13.96 9.79 -0.02
C ILE A 412 -13.41 11.20 -0.16
N LYS A 413 -13.62 11.81 -1.32
CA LYS A 413 -13.17 13.19 -1.49
C LYS A 413 -14.23 14.19 -1.06
N ALA A 414 -15.51 13.90 -1.33
CA ALA A 414 -16.62 14.83 -1.09
C ALA A 414 -17.94 14.14 -1.43
N THR A 415 -19.03 14.81 -1.08
CA THR A 415 -20.37 14.39 -1.44
C THR A 415 -21.13 15.58 -2.03
N VAL A 416 -21.98 15.30 -3.01
CA VAL A 416 -22.75 16.32 -3.70
C VAL A 416 -24.23 16.10 -3.40
N ALA A 417 -24.86 17.09 -2.75
CA ALA A 417 -26.28 17.07 -2.46
C ALA A 417 -27.12 17.12 -3.73
N PRO A 418 -28.39 16.69 -3.67
CA PRO A 418 -29.23 16.71 -4.88
C PRO A 418 -29.36 18.07 -5.56
N ASP A 419 -29.31 19.19 -4.83
CA ASP A 419 -29.34 20.50 -5.50
C ASP A 419 -28.10 20.75 -6.34
N GLY A 420 -26.97 20.18 -5.96
CA GLY A 420 -25.73 20.32 -6.69
C GLY A 420 -24.65 20.99 -5.87
N SER A 421 -24.90 21.18 -4.58
CA SER A 421 -23.91 21.80 -3.73
C SER A 421 -22.97 20.74 -3.18
N ARG A 422 -21.70 21.11 -3.04
CA ARG A 422 -20.63 20.17 -2.80
C ARG A 422 -20.00 20.42 -1.44
N THR A 423 -19.90 19.38 -0.62
CA THR A 423 -19.22 19.41 0.66
C THR A 423 -17.99 18.52 0.60
N GLU A 424 -16.80 19.11 0.76
CA GLU A 424 -15.58 18.31 0.82
C GLU A 424 -15.55 17.48 2.09
N GLU A 425 -14.99 16.28 1.97
CA GLU A 425 -14.71 15.47 3.15
C GLU A 425 -13.70 16.19 4.05
N PRO A 426 -13.89 16.16 5.36
CA PRO A 426 -12.90 16.79 6.25
C PRO A 426 -11.57 16.06 6.20
N ARG A 427 -10.49 16.83 6.23
CA ARG A 427 -9.13 16.31 6.16
C ARG A 427 -8.67 15.76 7.51
N PRO A 428 -8.12 14.55 7.55
CA PRO A 428 -7.62 14.02 8.81
C PRO A 428 -6.44 14.85 9.32
N ASP A 429 -6.28 14.87 10.64
CA ASP A 429 -5.17 15.61 11.22
C ASP A 429 -3.84 14.97 10.84
N ASP A 430 -2.84 15.82 10.58
CA ASP A 430 -1.48 15.41 10.35
C ASP A 430 -0.91 14.67 11.56
N ILE A 431 0.07 13.80 11.30
CA ILE A 431 0.83 13.15 12.36
C ILE A 431 2.32 13.27 12.01
N ARG A 432 3.06 14.04 12.82
CA ARG A 432 4.51 14.18 12.68
C ARG A 432 5.18 12.89 13.16
N VAL A 433 5.82 12.19 12.23
CA VAL A 433 6.53 10.94 12.53
C VAL A 433 8.02 11.19 12.73
N VAL A 434 8.64 11.90 11.78
CA VAL A 434 10.04 12.28 11.84
C VAL A 434 10.13 13.69 11.27
N SER A 435 11.26 14.35 11.51
CA SER A 435 11.43 15.68 10.93
C SER A 435 11.53 15.61 9.41
N ALA A 436 11.32 16.76 8.77
CA ALA A 436 11.52 16.87 7.33
C ALA A 436 12.94 16.49 6.93
N GLN A 437 13.93 16.97 7.70
CA GLN A 437 15.31 16.62 7.41
C GLN A 437 15.51 15.10 7.44
N THR A 438 14.94 14.43 8.44
CA THR A 438 15.05 12.97 8.53
C THR A 438 14.38 12.31 7.34
N ALA A 439 13.18 12.78 6.97
CA ALA A 439 12.45 12.17 5.88
C ALA A 439 13.20 12.31 4.55
N GLN A 440 13.81 13.46 4.33
CA GLN A 440 14.59 13.65 3.10
C GLN A 440 15.81 12.73 3.09
N THR A 441 16.44 12.53 4.26
CA THR A 441 17.58 11.62 4.32
C THR A 441 17.16 10.19 4.00
N VAL A 442 16.02 9.73 4.53
CA VAL A 442 15.58 8.36 4.27
C VAL A 442 15.21 8.16 2.79
N ARG A 443 14.58 9.16 2.17
CA ARG A 443 14.25 9.05 0.75
C ARG A 443 15.52 8.88 -0.08
N GLN A 444 16.54 9.69 0.21
CA GLN A 444 17.80 9.58 -0.51
C GLN A 444 18.46 8.23 -0.26
N MET A 445 18.41 7.73 0.98
CA MET A 445 19.00 6.42 1.25
C MET A 445 18.32 5.33 0.46
N LEU A 446 16.98 5.38 0.39
CA LEU A 446 16.24 4.34 -0.31
C LEU A 446 16.46 4.38 -1.82
N ARG A 447 17.11 5.41 -2.34
CA ARG A 447 17.54 5.36 -3.74
C ARG A 447 18.56 4.24 -3.97
N ALA A 448 19.28 3.84 -2.92
CA ALA A 448 20.29 2.81 -3.10
C ALA A 448 19.66 1.46 -3.45
N VAL A 449 18.42 1.23 -3.02
CA VAL A 449 17.75 -0.05 -3.30
C VAL A 449 17.64 -0.26 -4.81
N VAL A 450 17.45 0.81 -5.58
CA VAL A 450 17.20 0.69 -7.00
C VAL A 450 18.44 1.02 -7.83
N GLN A 451 19.60 1.19 -7.21
CA GLN A 451 20.80 1.57 -7.95
C GLN A 451 21.47 0.35 -8.60
N ARG A 452 21.90 0.53 -9.85
CA ARG A 452 22.59 -0.52 -10.59
C ARG A 452 24.09 -0.37 -10.44
N ASP A 453 24.77 -1.52 -10.35
CA ASP A 453 26.23 -1.54 -10.37
C ASP A 453 26.67 -2.80 -11.09
N PRO A 454 27.27 -2.68 -12.27
CA PRO A 454 27.74 -3.88 -12.99
C PRO A 454 28.75 -4.70 -12.21
N MET A 455 29.58 -4.06 -11.40
CA MET A 455 30.51 -4.75 -10.51
C MET A 455 29.86 -5.29 -9.25
N GLY A 456 28.53 -5.20 -9.15
CA GLY A 456 27.77 -5.75 -8.03
C GLY A 456 27.92 -5.00 -6.73
N TYR A 457 29.09 -4.39 -6.51
CA TYR A 457 29.45 -3.92 -5.17
C TYR A 457 28.49 -2.84 -4.68
N GLN A 458 28.07 -1.95 -5.57
CA GLN A 458 27.21 -0.84 -5.20
C GLN A 458 25.81 -0.99 -5.80
N GLN A 459 25.33 -2.22 -5.92
CA GLN A 459 23.98 -2.49 -6.42
C GLN A 459 23.05 -2.83 -5.27
N GLY A 460 21.84 -2.25 -5.30
CA GLY A 460 20.80 -2.59 -4.35
C GLY A 460 20.09 -3.88 -4.71
N THR A 461 19.08 -4.22 -3.92
CA THR A 461 18.29 -5.41 -4.16
C THR A 461 17.21 -5.25 -5.23
N GLY A 462 16.87 -4.01 -5.63
CA GLY A 462 15.77 -3.81 -6.57
C GLY A 462 16.11 -2.88 -7.73
N PRO A 463 17.22 -3.16 -8.43
CA PRO A 463 17.59 -2.27 -9.54
C PRO A 463 16.56 -2.22 -10.66
N THR A 464 15.80 -3.31 -10.88
CA THR A 464 14.77 -3.20 -11.90
C THR A 464 13.65 -2.26 -11.48
N ALA A 465 13.62 -1.79 -10.23
CA ALA A 465 12.58 -0.84 -9.86
C ALA A 465 12.96 0.57 -10.27
N GLY A 466 14.26 0.82 -10.55
CA GLY A 466 14.68 2.15 -10.94
C GLY A 466 14.15 2.56 -12.29
N VAL A 467 13.94 3.86 -12.46
CA VAL A 467 13.54 4.38 -13.76
C VAL A 467 14.56 5.45 -14.13
N PRO A 468 15.40 5.23 -15.14
CA PRO A 468 16.47 6.19 -15.45
C PRO A 468 15.92 7.56 -15.77
N GLY A 469 16.58 8.58 -15.22
CA GLY A 469 16.15 9.95 -15.33
C GLY A 469 15.36 10.45 -14.15
N TYR A 470 15.01 9.57 -13.22
CA TYR A 470 14.18 9.91 -12.06
C TYR A 470 14.84 9.40 -10.79
N GLN A 471 14.63 10.13 -9.70
CA GLN A 471 15.12 9.73 -8.38
C GLN A 471 14.13 8.77 -7.69
N MET A 472 13.91 7.61 -8.27
CA MET A 472 13.08 6.61 -7.61
C MET A 472 13.76 6.13 -6.32
N ALA A 473 12.93 5.90 -5.29
CA ALA A 473 13.37 5.36 -4.00
C ALA A 473 12.34 4.31 -3.60
N GLY A 474 12.81 3.20 -3.04
CA GLY A 474 11.87 2.15 -2.64
C GLY A 474 12.56 1.09 -1.79
N LYS A 475 11.80 0.04 -1.48
CA LYS A 475 12.33 -1.04 -0.64
C LYS A 475 11.66 -2.34 -1.04
N THR A 476 12.46 -3.42 -1.15
CA THR A 476 12.02 -4.78 -1.46
C THR A 476 11.70 -5.55 -0.18
N GLY A 477 10.83 -6.54 -0.30
CA GLY A 477 10.53 -7.38 0.83
C GLY A 477 10.16 -8.80 0.45
N THR A 478 10.55 -9.73 1.33
CA THR A 478 10.19 -11.14 1.25
C THR A 478 9.94 -11.59 2.69
N ALA A 479 8.76 -12.15 2.95
CA ALA A 479 8.40 -12.58 4.30
C ALA A 479 7.79 -13.97 4.24
N GLN A 480 8.29 -14.86 5.09
CA GLN A 480 7.73 -16.19 5.21
C GLN A 480 6.31 -16.14 5.77
N GLN A 481 5.44 -16.98 5.21
CA GLN A 481 4.10 -17.14 5.75
C GLN A 481 4.04 -18.29 6.76
N ILE A 482 3.00 -18.29 7.58
CA ILE A 482 2.81 -19.30 8.62
C ILE A 482 2.14 -20.53 8.01
N ASN A 483 2.74 -21.70 8.23
CA ASN A 483 2.16 -22.94 7.76
C ASN A 483 0.93 -23.26 8.58
N PRO A 484 -0.26 -23.35 7.98
CA PRO A 484 -1.47 -23.54 8.80
C PRO A 484 -1.49 -24.83 9.61
N GLY A 485 -0.77 -25.88 9.20
CA GLY A 485 -0.77 -27.15 9.90
C GLY A 485 0.18 -27.33 11.08
N CYS A 486 1.37 -26.71 11.02
CA CYS A 486 2.35 -26.83 12.10
C CYS A 486 2.37 -25.63 13.03
N GLY A 487 1.59 -24.59 12.76
CA GLY A 487 1.75 -23.34 13.50
C GLY A 487 3.17 -22.85 13.50
N CYS A 488 3.83 -22.91 12.35
CA CYS A 488 5.22 -22.53 12.24
C CYS A 488 5.40 -21.98 10.82
N TYR A 489 6.54 -21.36 10.55
CA TYR A 489 6.75 -20.75 9.25
C TYR A 489 7.02 -21.81 8.19
N PHE A 490 6.38 -21.64 7.03
CA PHE A 490 6.84 -22.30 5.82
C PHE A 490 8.30 -21.94 5.54
N ASP A 491 9.02 -22.90 4.93
CA ASP A 491 10.35 -22.64 4.41
C ASP A 491 10.31 -21.87 3.09
N ASP A 492 9.33 -22.14 2.24
CA ASP A 492 9.40 -21.66 0.86
C ASP A 492 8.06 -21.09 0.42
N VAL A 493 7.35 -20.43 1.32
CA VAL A 493 6.10 -19.73 1.00
C VAL A 493 6.23 -18.29 1.53
N TYR A 494 6.14 -17.32 0.61
CA TYR A 494 6.44 -15.94 0.95
C TYR A 494 5.39 -14.98 0.43
N TRP A 495 5.22 -13.89 1.17
CA TRP A 495 4.71 -12.65 0.62
C TRP A 495 5.88 -11.87 0.05
N ILE A 496 5.73 -11.37 -1.17
CA ILE A 496 6.68 -10.47 -1.81
C ILE A 496 6.07 -9.07 -1.76
N THR A 497 6.88 -8.09 -1.39
CA THR A 497 6.40 -6.73 -1.17
C THR A 497 7.36 -5.74 -1.81
N PHE A 498 6.82 -4.59 -2.19
CA PHE A 498 7.65 -3.47 -2.61
C PHE A 498 6.87 -2.21 -2.26
N ALA A 499 7.58 -1.18 -1.82
CA ALA A 499 6.94 0.10 -1.59
C ALA A 499 7.91 1.17 -2.03
N GLY A 500 7.41 2.21 -2.69
CA GLY A 500 8.35 3.20 -3.15
C GLY A 500 7.69 4.54 -3.37
N ILE A 501 8.54 5.51 -3.71
CA ILE A 501 8.18 6.91 -3.79
C ILE A 501 8.66 7.45 -5.13
N ALA A 502 7.78 8.13 -5.86
CA ALA A 502 8.13 8.85 -7.08
C ALA A 502 7.89 10.34 -6.89
N THR A 503 8.94 11.15 -6.75
CA THR A 503 10.35 10.73 -6.67
C THR A 503 10.96 11.23 -5.35
N ALA A 504 12.22 10.89 -5.10
CA ALA A 504 12.86 11.29 -3.84
C ALA A 504 12.98 12.80 -3.72
N ASP A 505 13.38 13.46 -4.81
CA ASP A 505 13.57 14.91 -4.77
C ASP A 505 12.25 15.66 -4.92
N ASN A 506 11.22 15.02 -5.46
CA ASN A 506 9.92 15.65 -5.63
C ASN A 506 8.84 14.59 -5.44
N PRO A 507 8.43 14.34 -4.20
CA PRO A 507 7.48 13.23 -3.94
C PRO A 507 6.09 13.58 -4.45
N ARG A 508 5.59 12.81 -5.41
CA ARG A 508 4.24 12.97 -5.92
C ARG A 508 3.36 11.76 -5.67
N TYR A 509 3.92 10.57 -5.78
CA TYR A 509 3.16 9.34 -5.73
C TYR A 509 3.84 8.36 -4.81
N VAL A 510 3.05 7.56 -4.13
CA VAL A 510 3.54 6.51 -3.26
C VAL A 510 2.87 5.24 -3.72
N ILE A 511 3.66 4.20 -3.93
CA ILE A 511 3.17 2.96 -4.49
C ILE A 511 3.52 1.81 -3.55
N GLY A 512 2.51 1.02 -3.20
CA GLY A 512 2.74 -0.20 -2.42
C GLY A 512 2.17 -1.42 -3.11
N ILE A 513 2.94 -2.51 -3.08
CA ILE A 513 2.65 -3.72 -3.86
C ILE A 513 2.88 -4.94 -2.98
N MET A 514 2.00 -5.94 -3.09
CA MET A 514 2.22 -7.25 -2.47
C MET A 514 1.82 -8.35 -3.45
N LEU A 515 2.66 -9.39 -3.52
CA LEU A 515 2.40 -10.60 -4.31
C LEU A 515 2.37 -11.79 -3.36
N ASP A 516 1.30 -12.57 -3.43
CA ASP A 516 1.15 -13.73 -2.57
C ASP A 516 1.84 -14.92 -3.24
N ASN A 517 3.07 -15.20 -2.78
CA ASN A 517 3.84 -16.38 -3.17
C ASN A 517 3.99 -16.60 -4.67
N PRO A 518 4.61 -15.68 -5.40
CA PRO A 518 4.84 -15.91 -6.83
C PRO A 518 5.93 -16.96 -7.04
N ALA A 519 5.83 -17.64 -8.18
CA ALA A 519 6.91 -18.50 -8.67
C ALA A 519 7.93 -17.73 -9.52
N ARG A 520 7.59 -16.54 -10.00
CA ARG A 520 8.45 -15.74 -10.87
C ARG A 520 8.34 -14.27 -10.48
N ASN A 521 9.15 -13.43 -11.11
CA ASN A 521 8.99 -11.99 -10.98
C ASN A 521 7.62 -11.54 -11.45
N SER A 522 7.26 -10.29 -11.12
CA SER A 522 6.00 -9.72 -11.55
C SER A 522 5.91 -9.60 -13.08
N ASP A 523 7.05 -9.58 -13.77
CA ASP A 523 7.05 -9.51 -15.23
C ASP A 523 7.31 -10.86 -15.88
N GLY A 524 7.47 -11.92 -15.10
CA GLY A 524 7.55 -13.25 -15.64
C GLY A 524 8.94 -13.81 -15.77
N ALA A 525 9.99 -13.02 -15.51
CA ALA A 525 11.38 -13.46 -15.48
C ALA A 525 11.65 -14.29 -14.20
N PRO A 526 12.71 -15.12 -14.20
CA PRO A 526 12.98 -15.94 -13.02
C PRO A 526 13.30 -15.07 -11.82
N GLY A 527 12.83 -15.51 -10.64
CA GLY A 527 12.99 -14.82 -9.37
C GLY A 527 11.65 -14.69 -8.69
N HIS A 528 11.53 -13.76 -7.76
CA HIS A 528 10.22 -13.49 -7.18
C HIS A 528 10.20 -12.10 -6.56
N SER A 529 10.36 -11.10 -7.42
CA SER A 529 10.44 -9.73 -7.02
C SER A 529 9.25 -8.97 -7.59
N ALA A 530 8.78 -8.00 -6.84
CA ALA A 530 7.75 -7.07 -7.28
C ALA A 530 8.33 -5.80 -7.86
N ALA A 531 9.65 -5.62 -7.75
CA ALA A 531 10.32 -4.45 -8.33
C ALA A 531 9.90 -4.12 -9.76
N PRO A 532 9.77 -5.07 -10.71
CA PRO A 532 9.34 -4.66 -12.06
C PRO A 532 7.95 -4.10 -12.11
N LEU A 533 7.07 -4.50 -11.20
CA LEU A 533 5.73 -3.92 -11.20
C LEU A 533 5.77 -2.45 -10.80
N PHE A 534 6.58 -2.13 -9.78
CA PHE A 534 6.78 -0.74 -9.37
C PHE A 534 7.35 0.10 -10.51
N HIS A 535 8.39 -0.41 -11.18
CA HIS A 535 8.97 0.20 -12.38
C HIS A 535 7.90 0.60 -13.39
N ASN A 536 7.07 -0.37 -13.81
CA ASN A 536 6.00 -0.10 -14.78
CA ASN A 536 6.03 -0.07 -14.80
C ASN A 536 5.10 1.04 -14.32
N ILE A 537 4.56 0.90 -13.11
CA ILE A 537 3.57 1.88 -12.62
C ILE A 537 4.23 3.25 -12.41
N ALA A 538 5.37 3.27 -11.74
CA ALA A 538 5.99 4.56 -11.41
C ALA A 538 6.47 5.26 -12.66
N GLY A 539 7.00 4.50 -13.63
CA GLY A 539 7.46 5.11 -14.85
C GLY A 539 6.31 5.67 -15.65
N TRP A 540 5.17 4.98 -15.61
CA TRP A 540 4.00 5.45 -16.36
C TRP A 540 3.42 6.69 -15.71
N LEU A 541 3.43 6.77 -14.39
CA LEU A 541 2.92 7.97 -13.74
C LEU A 541 3.76 9.19 -14.10
N MET A 542 5.08 9.00 -14.26
CA MET A 542 5.93 10.12 -14.65
C MET A 542 5.65 10.53 -16.10
N GLN A 543 5.58 9.56 -17.01
CA GLN A 543 5.42 9.85 -18.43
C GLN A 543 4.11 10.59 -18.69
N ARG A 544 3.01 10.09 -18.12
CA ARG A 544 1.70 10.65 -18.42
C ARG A 544 1.56 12.09 -17.95
N GLU A 545 2.39 12.53 -17.01
CA GLU A 545 2.41 13.91 -16.57
C GLU A 545 3.61 14.68 -17.10
N ASN A 546 4.34 14.13 -18.07
CA ASN A 546 5.54 14.75 -18.63
C ASN A 546 6.40 15.40 -17.55
N VAL A 547 6.64 14.65 -16.49
CA VAL A 547 7.56 15.10 -15.44
C VAL A 547 8.97 15.15 -16.02
N PRO A 548 9.73 16.22 -15.80
CA PRO A 548 11.10 16.30 -16.33
C PRO A 548 12.08 15.39 -15.60
N LEU A 549 13.09 14.95 -16.34
CA LEU A 549 14.24 14.20 -15.78
C LEU A 549 15.16 15.07 -14.90
N GLY A 554 22.38 12.53 -8.96
CA GLY A 554 23.73 13.03 -8.78
C GLY A 554 24.80 11.93 -8.92
N PRO A 555 25.77 11.90 -8.02
CA PRO A 555 26.81 10.86 -8.08
C PRO A 555 26.34 9.57 -7.42
N PRO A 556 26.96 8.43 -7.75
CA PRO A 556 26.47 7.15 -7.21
C PRO A 556 26.56 7.08 -5.69
N LEU A 557 25.56 6.45 -5.08
CA LEU A 557 25.55 6.22 -3.65
C LEU A 557 26.50 5.08 -3.30
N VAL A 558 27.14 5.20 -2.14
CA VAL A 558 28.08 4.18 -1.67
C VAL A 558 27.34 3.29 -0.68
N LEU A 559 27.13 2.02 -1.06
CA LEU A 559 26.51 1.02 -0.21
C LEU A 559 27.54 0.20 0.54
N GLN A 560 28.73 0.07 -0.03
CA GLN A 560 29.75 -0.82 0.48
C GLN A 560 31.07 -0.06 0.39
N ALA A 561 31.73 0.12 1.52
CA ALA A 561 33.01 0.80 1.55
C ALA A 561 34.12 -0.20 1.20
N THR A 562 35.36 0.18 1.45
CA THR A 562 36.47 -0.77 1.32
C THR A 562 36.81 -1.34 2.69
C1 MER B . 13.62 -8.91 3.75
C2 MER B . 15.95 -10.55 1.26
C3 MER B . 14.52 -10.10 4.08
C4 MER B . 15.93 -9.90 3.51
C5 MER B . 15.82 -9.24 1.29
O6 MER B . 12.64 -8.98 3.03
C7 MER B . 14.55 -10.32 5.61
O8 MER B . 15.29 -11.49 5.96
C9 MER B . 13.16 -10.47 6.24
N10 MER B . 15.94 -8.73 2.59
C11 MER B . 15.54 -8.37 0.14
O12 MER B . 14.95 -7.21 0.37
O13 MER B . 15.79 -8.63 -1.03
S14 MER B . 15.62 -11.53 -0.08
C15 MER B . 17.00 -11.57 -1.19
C16 MER B . 17.56 -12.98 -1.29
C17 MER B . 17.38 -13.45 -2.73
C18 MER B . 16.41 -11.04 2.59
N19 MER B . 16.39 -12.53 -3.34
C20 MER B . 15.79 -12.39 2.90
C21 MER B . 16.60 -11.24 -2.63
C22 MER B . 17.00 -14.90 -2.72
N23 MER B . 15.84 -15.35 -3.27
O24 MER B . 17.81 -15.65 -2.21
C25 MER B . 15.60 -15.31 -4.71
C26 MER B . 14.80 -15.98 -2.49
CO CO C . 11.07 0.17 -18.45
CO CO D . -46.14 13.76 8.39
#